data_3M9I
#
_entry.id   3M9I
#
_cell.length_a   65.500
_cell.length_b   65.500
_cell.length_c   200.000
_cell.angle_alpha   90.00
_cell.angle_beta   90.00
_cell.angle_gamma   90.00
#
_symmetry.space_group_name_H-M   'P 4 2 2'
#
loop_
_entity.id
_entity.type
_entity.pdbx_description
1 polymer 'Lens fiber major intrinsic protein'
2 non-polymer 1,2-Distearoyl-sn-glycerophosphoethanolamine
3 water water
#
_entity_poly.entity_id   1
_entity_poly.type   'polypeptide(L)'
_entity_poly.pdbx_seq_one_letter_code
;ASFWRAIFAEFFATLFYVFFGLGASLRWAPGPLHVLQVALAFGLALATLVQAVGHISGAHVNPAVTFAFLVGSQMSLLRA
ICYVVAQLLGAVAGAAVLYSVTPPAVRGNLALNTLHPGVSVGQATIVEIFLTLQFVLCIFATYDERRNGRLGSVALAVGF
SLTLGHLFGMYYTGAGMNPARSFAPAILTRNFTNHWVYWVGPVIGAGLGSLLYDFLLFPR
;
_entity_poly.pdbx_strand_id   A
#
loop_
_chem_comp.id
_chem_comp.type
_chem_comp.name
_chem_comp.formula
3PE non-polymer 1,2-Distearoyl-sn-glycerophosphoethanolamine 'C41 H82 N O8 P'
#
# COMPACT_ATOMS: atom_id res chain seq x y z
N ALA A 1 16.51 19.43 -4.37
CA ALA A 1 16.91 18.94 -3.03
C ALA A 1 16.68 17.43 -2.91
N SER A 2 17.32 16.82 -1.91
CA SER A 2 17.19 15.39 -1.68
C SER A 2 15.81 15.13 -1.09
N PHE A 3 15.01 16.19 -1.01
CA PHE A 3 13.66 16.13 -0.49
C PHE A 3 12.67 16.01 -1.63
N TRP A 4 12.77 16.93 -2.58
CA TRP A 4 11.87 16.93 -3.73
C TRP A 4 12.19 15.77 -4.65
N ARG A 5 13.40 15.26 -4.52
CA ARG A 5 13.80 14.12 -5.30
C ARG A 5 13.10 12.97 -4.60
N ALA A 6 12.93 13.11 -3.28
CA ALA A 6 12.26 12.11 -2.46
C ALA A 6 10.75 12.21 -2.60
N ILE A 7 10.22 13.44 -2.65
CA ILE A 7 8.78 13.64 -2.81
C ILE A 7 8.39 13.26 -4.23
N PHE A 8 9.28 13.55 -5.18
CA PHE A 8 9.03 13.22 -6.57
C PHE A 8 8.91 11.71 -6.68
N ALA A 9 9.92 11.02 -6.14
CA ALA A 9 9.97 9.57 -6.16
C ALA A 9 8.67 8.98 -5.61
N GLU A 10 8.21 9.51 -4.49
CA GLU A 10 6.99 9.00 -3.89
C GLU A 10 5.80 9.17 -4.84
N PHE A 11 5.77 10.26 -5.59
CA PHE A 11 4.68 10.49 -6.52
C PHE A 11 4.76 9.50 -7.68
N PHE A 12 5.94 9.32 -8.23
CA PHE A 12 6.11 8.39 -9.35
C PHE A 12 6.03 6.92 -8.94
N ALA A 13 6.56 6.57 -7.76
CA ALA A 13 6.51 5.19 -7.35
C ALA A 13 5.09 4.81 -6.96
N THR A 14 4.32 5.77 -6.47
CA THR A 14 2.94 5.45 -6.13
C THR A 14 2.15 5.38 -7.44
N LEU A 15 2.50 6.27 -8.37
CA LEU A 15 1.82 6.29 -9.66
C LEU A 15 1.93 4.89 -10.28
N PHE A 16 3.15 4.38 -10.39
CA PHE A 16 3.42 3.06 -10.95
C PHE A 16 2.80 1.93 -10.14
N TYR A 17 2.78 2.11 -8.82
CA TYR A 17 2.20 1.12 -7.89
C TYR A 17 0.70 0.97 -8.12
N VAL A 18 0.02 2.07 -8.37
CA VAL A 18 -1.41 1.99 -8.59
C VAL A 18 -1.69 1.60 -10.02
N PHE A 19 -0.82 2.03 -10.93
CA PHE A 19 -0.99 1.71 -12.34
C PHE A 19 -0.85 0.19 -12.46
N PHE A 20 0.28 -0.32 -12.00
CA PHE A 20 0.54 -1.74 -12.08
C PHE A 20 -0.35 -2.59 -11.20
N GLY A 21 -0.30 -2.37 -9.88
CA GLY A 21 -1.13 -3.13 -8.98
C GLY A 21 -2.59 -3.09 -9.42
N LEU A 22 -3.15 -1.89 -9.51
CA LEU A 22 -4.55 -1.75 -9.93
C LEU A 22 -4.72 -2.29 -11.34
N GLY A 23 -3.76 -2.01 -12.22
CA GLY A 23 -3.85 -2.49 -13.58
C GLY A 23 -4.11 -3.98 -13.60
N ALA A 24 -3.33 -4.72 -12.81
CA ALA A 24 -3.43 -6.18 -12.71
C ALA A 24 -4.75 -6.69 -12.14
N SER A 25 -5.37 -5.93 -11.24
CA SER A 25 -6.64 -6.34 -10.64
C SER A 25 -7.81 -6.08 -11.59
N LEU A 26 -7.49 -5.54 -12.74
CA LEU A 26 -8.51 -5.24 -13.73
C LEU A 26 -8.87 -6.53 -14.44
N ARG A 27 -9.23 -7.52 -13.63
CA ARG A 27 -9.61 -8.87 -14.08
C ARG A 27 -10.11 -8.93 -15.52
N TRP A 28 -9.21 -9.19 -16.45
CA TRP A 28 -9.57 -9.28 -17.86
C TRP A 28 -10.29 -10.61 -18.10
N ALA A 29 -9.50 -11.68 -18.14
CA ALA A 29 -9.99 -13.03 -18.32
C ALA A 29 -9.26 -13.94 -17.31
N PRO A 30 -9.19 -13.51 -16.03
CA PRO A 30 -8.53 -14.26 -14.95
C PRO A 30 -9.18 -15.60 -14.60
N GLY A 31 -10.27 -15.53 -13.86
CA GLY A 31 -10.97 -16.75 -13.46
C GLY A 31 -10.91 -16.95 -11.96
N PRO A 32 -10.59 -18.17 -11.51
CA PRO A 32 -10.51 -18.48 -10.07
C PRO A 32 -9.09 -18.24 -9.53
N LEU A 33 -8.99 -18.07 -8.21
CA LEU A 33 -7.71 -17.84 -7.56
C LEU A 33 -6.91 -16.69 -8.19
N HIS A 34 -7.62 -15.80 -8.88
CA HIS A 34 -7.02 -14.64 -9.51
C HIS A 34 -6.24 -13.87 -8.46
N VAL A 35 -6.55 -14.16 -7.20
CA VAL A 35 -5.91 -13.52 -6.05
C VAL A 35 -4.41 -13.76 -6.05
N LEU A 36 -4.03 -14.92 -6.54
CA LEU A 36 -2.64 -15.29 -6.61
C LEU A 36 -1.91 -14.30 -7.51
N GLN A 37 -2.45 -14.10 -8.69
CA GLN A 37 -1.86 -13.18 -9.65
C GLN A 37 -1.80 -11.76 -9.10
N VAL A 38 -2.96 -11.20 -8.73
CA VAL A 38 -3.00 -9.83 -8.22
C VAL A 38 -2.06 -9.62 -7.05
N ALA A 39 -2.03 -10.56 -6.10
CA ALA A 39 -1.16 -10.43 -4.95
C ALA A 39 0.28 -10.33 -5.40
N LEU A 40 0.70 -11.24 -6.28
CA LEU A 40 2.06 -11.20 -6.78
C LEU A 40 2.26 -9.88 -7.51
N ALA A 41 1.19 -9.40 -8.15
CA ALA A 41 1.25 -8.15 -8.87
C ALA A 41 1.66 -7.06 -7.87
N PHE A 42 0.77 -6.71 -6.95
CA PHE A 42 1.08 -5.69 -5.97
C PHE A 42 2.44 -5.95 -5.30
N GLY A 43 2.65 -7.19 -4.91
CA GLY A 43 3.88 -7.58 -4.25
C GLY A 43 5.15 -7.34 -5.04
N LEU A 44 5.12 -7.63 -6.33
CA LEU A 44 6.30 -7.40 -7.15
C LEU A 44 6.35 -5.96 -7.61
N ALA A 45 5.20 -5.30 -7.62
CA ALA A 45 5.16 -3.89 -7.99
C ALA A 45 5.90 -3.14 -6.91
N LEU A 46 5.69 -3.58 -5.67
CA LEU A 46 6.34 -2.94 -4.52
C LEU A 46 7.82 -3.22 -4.47
N ALA A 47 8.17 -4.50 -4.52
CA ALA A 47 9.56 -4.95 -4.45
C ALA A 47 10.36 -4.21 -5.49
N THR A 48 9.79 -4.10 -6.69
CA THR A 48 10.46 -3.41 -7.78
C THR A 48 10.57 -1.91 -7.49
N LEU A 49 9.47 -1.29 -7.11
CA LEU A 49 9.46 0.14 -6.79
C LEU A 49 10.45 0.42 -5.68
N VAL A 50 10.42 -0.40 -4.64
CA VAL A 50 11.31 -0.25 -3.50
C VAL A 50 12.77 -0.37 -3.96
N GLN A 51 12.99 -1.15 -5.01
CA GLN A 51 14.32 -1.37 -5.57
C GLN A 51 14.84 -0.18 -6.36
N ALA A 52 13.94 0.70 -6.76
CA ALA A 52 14.33 1.86 -7.55
C ALA A 52 14.29 3.14 -6.73
N VAL A 53 13.29 3.24 -5.88
CA VAL A 53 13.10 4.42 -5.06
C VAL A 53 13.14 4.10 -3.57
N GLY A 54 13.83 3.02 -3.22
CA GLY A 54 13.91 2.70 -1.81
C GLY A 54 14.93 3.62 -1.16
N HIS A 55 15.90 4.07 -1.96
CA HIS A 55 16.96 4.96 -1.48
C HIS A 55 16.67 6.44 -1.62
N ILE A 56 15.72 6.77 -2.48
CA ILE A 56 15.37 8.16 -2.70
C ILE A 56 14.32 8.66 -1.71
N SER A 57 13.54 7.75 -1.15
CA SER A 57 12.51 8.19 -0.22
C SER A 57 12.09 7.17 0.80
N GLY A 58 12.52 5.94 0.62
CA GLY A 58 12.14 4.91 1.56
C GLY A 58 11.06 4.07 0.90
N ALA A 59 10.56 4.58 -0.23
CA ALA A 59 9.52 3.91 -1.02
C ALA A 59 8.26 3.56 -0.24
N HIS A 60 7.83 4.44 0.64
CA HIS A 60 6.61 4.19 1.38
C HIS A 60 5.51 3.92 0.37
N VAL A 61 5.25 4.88 -0.52
CA VAL A 61 4.21 4.74 -1.53
C VAL A 61 2.87 4.37 -0.88
N ASN A 62 2.79 4.51 0.44
CA ASN A 62 1.58 4.16 1.15
C ASN A 62 1.37 5.16 2.28
N PRO A 63 0.32 6.00 2.18
CA PRO A 63 0.07 6.99 3.23
C PRO A 63 0.17 6.37 4.62
N ALA A 64 -0.34 5.16 4.77
CA ALA A 64 -0.30 4.50 6.06
C ALA A 64 1.12 4.12 6.45
N VAL A 65 1.95 3.78 5.48
CA VAL A 65 3.32 3.42 5.84
C VAL A 65 4.02 4.69 6.30
N THR A 66 3.84 5.78 5.56
CA THR A 66 4.45 7.04 5.94
C THR A 66 3.97 7.43 7.34
N PHE A 67 2.75 7.02 7.67
CA PHE A 67 2.18 7.33 8.98
C PHE A 67 2.96 6.59 10.04
N ALA A 68 3.18 5.30 9.80
CA ALA A 68 3.93 4.45 10.71
C ALA A 68 5.29 5.06 11.00
N PHE A 69 5.93 5.61 9.98
CA PHE A 69 7.24 6.23 10.15
C PHE A 69 7.12 7.53 10.94
N LEU A 70 6.01 8.23 10.73
CA LEU A 70 5.79 9.48 11.44
C LEU A 70 5.65 9.20 12.94
N VAL A 71 4.78 8.27 13.30
CA VAL A 71 4.58 7.94 14.71
C VAL A 71 5.83 7.23 15.19
N GLY A 72 6.46 6.48 14.29
CA GLY A 72 7.66 5.75 14.63
C GLY A 72 8.79 6.74 14.81
N SER A 73 8.46 8.01 14.65
CA SER A 73 9.42 9.10 14.80
C SER A 73 10.64 8.87 13.90
N GLN A 74 10.39 8.88 12.59
CA GLN A 74 11.43 8.69 11.59
C GLN A 74 11.15 9.62 10.42
N MET A 75 10.24 10.56 10.64
CA MET A 75 9.85 11.54 9.64
C MET A 75 9.26 12.78 10.29
N SER A 76 9.71 13.94 9.81
CA SER A 76 9.20 15.21 10.32
C SER A 76 7.76 15.35 9.83
N LEU A 77 6.86 15.74 10.74
CA LEU A 77 5.45 15.89 10.40
C LEU A 77 5.22 16.71 9.14
N LEU A 78 6.28 17.35 8.67
CA LEU A 78 6.19 18.16 7.46
C LEU A 78 6.35 17.23 6.27
N ARG A 79 7.40 16.43 6.30
CA ARG A 79 7.69 15.48 5.23
C ARG A 79 6.56 14.45 5.10
N ALA A 80 6.16 13.85 6.22
CA ALA A 80 5.11 12.85 6.23
C ALA A 80 3.91 13.34 5.44
N ILE A 81 3.63 14.63 5.54
CA ILE A 81 2.52 15.24 4.83
C ILE A 81 2.78 15.30 3.32
N CYS A 82 4.01 15.67 2.94
CA CYS A 82 4.35 15.76 1.53
C CYS A 82 4.27 14.39 0.83
N TYR A 83 4.60 13.34 1.58
CA TYR A 83 4.54 11.96 1.08
C TYR A 83 3.09 11.58 0.85
N VAL A 84 2.26 11.76 1.87
CA VAL A 84 0.84 11.42 1.76
C VAL A 84 0.20 12.18 0.62
N VAL A 85 0.66 13.40 0.36
CA VAL A 85 0.11 14.18 -0.73
C VAL A 85 0.68 13.65 -2.05
N ALA A 86 2.00 13.51 -2.12
CA ALA A 86 2.63 13.00 -3.34
C ALA A 86 2.02 11.62 -3.65
N GLN A 87 1.85 10.81 -2.62
CA GLN A 87 1.29 9.47 -2.77
C GLN A 87 -0.12 9.52 -3.35
N LEU A 88 -1.01 10.28 -2.71
CA LEU A 88 -2.40 10.43 -3.17
C LEU A 88 -2.48 11.02 -4.57
N LEU A 89 -1.52 11.87 -4.91
CA LEU A 89 -1.47 12.50 -6.23
C LEU A 89 -0.93 11.48 -7.22
N GLY A 90 0.16 10.81 -6.84
CA GLY A 90 0.74 9.82 -7.71
C GLY A 90 -0.30 8.75 -7.95
N ALA A 91 -0.98 8.36 -6.88
CA ALA A 91 -2.03 7.34 -6.94
C ALA A 91 -3.12 7.73 -7.94
N VAL A 92 -3.80 8.85 -7.72
CA VAL A 92 -4.85 9.25 -8.66
C VAL A 92 -4.33 9.40 -10.06
N ALA A 93 -3.04 9.69 -10.18
CA ALA A 93 -2.43 9.85 -11.49
C ALA A 93 -2.32 8.47 -12.09
N GLY A 94 -1.67 7.58 -11.37
CA GLY A 94 -1.48 6.22 -11.83
C GLY A 94 -2.78 5.59 -12.24
N ALA A 95 -3.85 5.97 -11.57
CA ALA A 95 -5.16 5.40 -11.85
C ALA A 95 -5.78 6.05 -13.07
N ALA A 96 -5.47 7.31 -13.30
CA ALA A 96 -5.99 8.04 -14.46
C ALA A 96 -5.38 7.49 -15.74
N VAL A 97 -4.08 7.26 -15.70
CA VAL A 97 -3.38 6.72 -16.87
C VAL A 97 -3.84 5.31 -17.14
N LEU A 98 -3.86 4.46 -16.11
CA LEU A 98 -4.29 3.08 -16.28
C LEU A 98 -5.67 3.09 -16.95
N TYR A 99 -6.49 4.05 -16.54
CA TYR A 99 -7.83 4.28 -17.05
C TYR A 99 -7.84 4.64 -18.53
N SER A 100 -6.90 5.49 -18.93
CA SER A 100 -6.78 5.94 -20.31
C SER A 100 -6.32 4.84 -21.26
N VAL A 101 -5.38 4.02 -20.79
CA VAL A 101 -4.83 2.92 -21.58
C VAL A 101 -5.72 1.67 -21.53
N THR A 102 -6.60 1.58 -20.54
CA THR A 102 -7.44 0.41 -20.41
C THR A 102 -8.80 0.51 -21.07
N PRO A 103 -9.17 -0.53 -21.84
CA PRO A 103 -10.47 -0.51 -22.50
C PRO A 103 -11.60 -0.41 -21.47
N PRO A 104 -12.63 0.38 -21.79
CA PRO A 104 -13.79 0.59 -20.92
C PRO A 104 -14.41 -0.70 -20.40
N ALA A 105 -14.45 -1.70 -21.26
CA ALA A 105 -15.03 -2.99 -20.93
C ALA A 105 -14.20 -3.80 -19.93
N VAL A 106 -12.93 -3.45 -19.79
CA VAL A 106 -12.06 -4.16 -18.86
C VAL A 106 -11.94 -3.41 -17.55
N ARG A 107 -11.68 -2.12 -17.63
CA ARG A 107 -11.57 -1.32 -16.42
C ARG A 107 -12.97 -1.26 -15.80
N GLY A 108 -13.32 -2.32 -15.08
CA GLY A 108 -14.63 -2.38 -14.46
C GLY A 108 -14.84 -1.28 -13.43
N ASN A 109 -14.53 -1.61 -12.19
CA ASN A 109 -14.66 -0.71 -11.04
C ASN A 109 -13.36 0.08 -10.87
N LEU A 110 -12.36 -0.28 -11.65
CA LEU A 110 -11.04 0.33 -11.58
C LEU A 110 -10.35 -0.24 -10.35
N ALA A 111 -10.73 -1.46 -10.02
CA ALA A 111 -10.20 -2.20 -8.90
C ALA A 111 -10.50 -1.58 -7.54
N LEU A 112 -11.57 -0.80 -7.47
CA LEU A 112 -11.96 -0.16 -6.23
C LEU A 112 -12.02 -1.19 -5.11
N ASN A 113 -11.71 -0.76 -3.89
CA ASN A 113 -11.75 -1.65 -2.74
C ASN A 113 -13.16 -1.61 -2.20
N THR A 114 -13.69 -2.78 -1.88
CA THR A 114 -15.04 -2.87 -1.37
C THR A 114 -15.06 -4.01 -0.38
N LEU A 115 -15.81 -3.85 0.70
CA LEU A 115 -15.90 -4.93 1.68
C LEU A 115 -16.70 -6.07 1.03
N HIS A 116 -16.11 -7.27 1.01
CA HIS A 116 -16.77 -8.44 0.43
C HIS A 116 -18.12 -8.64 1.13
N PRO A 117 -19.18 -8.97 0.38
CA PRO A 117 -20.48 -9.16 1.03
C PRO A 117 -20.42 -10.03 2.26
N GLY A 118 -21.19 -9.67 3.29
CA GLY A 118 -21.22 -10.43 4.52
C GLY A 118 -20.14 -10.02 5.52
N VAL A 119 -19.22 -9.17 5.08
CA VAL A 119 -18.15 -8.70 5.96
C VAL A 119 -18.46 -7.29 6.43
N SER A 120 -18.73 -7.15 7.74
CA SER A 120 -19.07 -5.85 8.33
C SER A 120 -17.93 -4.86 8.23
N VAL A 121 -18.18 -3.61 8.64
CA VAL A 121 -17.14 -2.59 8.61
C VAL A 121 -16.20 -2.74 9.79
N GLY A 122 -16.72 -3.27 10.88
CA GLY A 122 -15.87 -3.49 12.03
C GLY A 122 -14.88 -4.57 11.70
N GLN A 123 -15.34 -5.60 11.02
CA GLN A 123 -14.48 -6.71 10.62
C GLN A 123 -13.52 -6.23 9.55
N ALA A 124 -14.10 -5.61 8.53
CA ALA A 124 -13.34 -5.08 7.42
C ALA A 124 -12.21 -4.21 7.96
N THR A 125 -12.46 -3.54 9.05
CA THR A 125 -11.50 -2.65 9.70
C THR A 125 -10.43 -3.45 10.45
N ILE A 126 -10.87 -4.50 11.14
CA ILE A 126 -9.95 -5.35 11.88
C ILE A 126 -9.02 -5.98 10.84
N VAL A 127 -9.61 -6.57 9.82
CA VAL A 127 -8.82 -7.18 8.77
C VAL A 127 -7.77 -6.22 8.24
N GLU A 128 -8.20 -5.07 7.73
CA GLU A 128 -7.30 -4.05 7.19
C GLU A 128 -6.24 -3.61 8.21
N ILE A 129 -6.58 -3.71 9.48
CA ILE A 129 -5.64 -3.35 10.53
C ILE A 129 -4.55 -4.42 10.52
N PHE A 130 -4.96 -5.67 10.35
CA PHE A 130 -4.02 -6.75 10.33
C PHE A 130 -3.21 -6.79 9.04
N LEU A 131 -3.86 -6.61 7.89
CA LEU A 131 -3.14 -6.65 6.63
C LEU A 131 -2.02 -5.65 6.69
N THR A 132 -2.29 -4.53 7.33
CA THR A 132 -1.28 -3.49 7.40
C THR A 132 -0.36 -3.57 8.61
N LEU A 133 -0.85 -4.14 9.70
CA LEU A 133 0.00 -4.26 10.88
C LEU A 133 1.18 -5.15 10.58
N GLN A 134 0.92 -6.31 9.99
CA GLN A 134 2.00 -7.23 9.66
C GLN A 134 2.87 -6.59 8.59
N PHE A 135 2.22 -5.87 7.66
CA PHE A 135 2.95 -5.22 6.59
C PHE A 135 3.90 -4.15 7.13
N VAL A 136 3.39 -3.25 7.95
CA VAL A 136 4.21 -2.21 8.55
C VAL A 136 5.31 -2.85 9.37
N LEU A 137 4.94 -3.83 10.18
CA LEU A 137 5.90 -4.55 11.01
C LEU A 137 7.08 -5.05 10.19
N CYS A 138 6.77 -5.76 9.10
CA CYS A 138 7.78 -6.30 8.19
C CYS A 138 8.74 -5.17 7.75
N ILE A 139 8.14 -4.08 7.28
CA ILE A 139 8.87 -2.91 6.83
C ILE A 139 9.75 -2.36 7.93
N PHE A 140 9.15 -2.11 9.08
CA PHE A 140 9.91 -1.59 10.20
C PHE A 140 11.06 -2.53 10.48
N ALA A 141 10.79 -3.81 10.33
CA ALA A 141 11.79 -4.84 10.55
C ALA A 141 12.91 -4.79 9.52
N THR A 142 12.57 -5.05 8.26
CA THR A 142 13.58 -5.05 7.20
C THR A 142 14.36 -3.76 7.09
N TYR A 143 13.65 -2.63 7.08
CA TYR A 143 14.30 -1.32 6.98
C TYR A 143 15.18 -1.01 8.19
N ASP A 144 14.88 -1.61 9.34
CA ASP A 144 15.68 -1.37 10.53
C ASP A 144 17.07 -1.96 10.32
N GLU A 145 17.99 -1.13 9.87
CA GLU A 145 19.36 -1.54 9.58
C GLU A 145 20.09 -2.21 10.76
N ARG A 146 19.45 -2.28 11.93
CA ARG A 146 20.07 -2.90 13.09
C ARG A 146 20.11 -4.42 12.96
N ARG A 147 19.88 -4.93 11.75
CA ARG A 147 19.89 -6.37 11.50
C ARG A 147 20.25 -6.69 10.04
N ASN A 148 21.26 -7.55 9.85
CA ASN A 148 21.70 -7.93 8.51
C ASN A 148 22.26 -9.36 8.46
N GLY A 149 22.95 -9.66 7.36
CA GLY A 149 23.54 -10.98 7.19
C GLY A 149 22.60 -11.95 6.48
N ARG A 150 21.84 -12.69 7.26
CA ARG A 150 20.89 -13.64 6.70
C ARG A 150 19.56 -12.93 6.43
N LEU A 151 19.61 -11.61 6.38
CA LEU A 151 18.42 -10.80 6.12
C LEU A 151 17.85 -11.14 4.74
N GLY A 152 18.54 -10.68 3.70
CA GLY A 152 18.09 -10.92 2.34
C GLY A 152 17.57 -9.65 1.70
N SER A 153 17.14 -9.74 0.44
CA SER A 153 16.61 -8.58 -0.27
C SER A 153 15.49 -7.91 0.51
N VAL A 154 15.74 -6.68 0.93
CA VAL A 154 14.76 -5.93 1.69
C VAL A 154 13.49 -5.71 0.85
N ALA A 155 13.67 -5.39 -0.42
CA ALA A 155 12.55 -5.13 -1.33
C ALA A 155 11.64 -6.31 -1.61
N LEU A 156 12.21 -7.51 -1.63
CA LEU A 156 11.41 -8.70 -1.89
C LEU A 156 10.66 -9.01 -0.62
N ALA A 157 11.32 -8.71 0.51
CA ALA A 157 10.73 -8.94 1.81
C ALA A 157 9.45 -8.13 1.89
N VAL A 158 9.61 -6.82 2.01
CA VAL A 158 8.49 -5.92 2.10
C VAL A 158 7.42 -6.17 1.06
N GLY A 159 7.84 -6.58 -0.14
CA GLY A 159 6.91 -6.86 -1.20
C GLY A 159 6.07 -8.10 -0.96
N PHE A 160 6.73 -9.18 -0.54
CA PHE A 160 6.04 -10.43 -0.26
C PHE A 160 5.07 -10.23 0.91
N SER A 161 5.40 -9.30 1.79
CA SER A 161 4.54 -9.03 2.91
C SER A 161 3.27 -8.40 2.35
N LEU A 162 3.42 -7.60 1.29
CA LEU A 162 2.27 -6.98 0.66
C LEU A 162 1.46 -8.07 -0.02
N THR A 163 2.18 -9.05 -0.55
CA THR A 163 1.54 -10.16 -1.24
C THR A 163 0.83 -11.03 -0.22
N LEU A 164 1.40 -11.10 0.98
CA LEU A 164 0.81 -11.87 2.05
C LEU A 164 -0.55 -11.23 2.26
N GLY A 165 -0.52 -9.99 2.75
CA GLY A 165 -1.74 -9.23 3.00
C GLY A 165 -2.81 -9.42 1.93
N HIS A 166 -2.38 -9.52 0.68
CA HIS A 166 -3.32 -9.71 -0.43
C HIS A 166 -3.85 -11.11 -0.52
N LEU A 167 -2.94 -12.07 -0.42
CA LEU A 167 -3.28 -13.50 -0.46
C LEU A 167 -4.38 -13.78 0.56
N PHE A 168 -4.38 -13.00 1.65
CA PHE A 168 -5.37 -13.16 2.71
C PHE A 168 -6.57 -12.24 2.59
N GLY A 169 -6.34 -10.95 2.83
CA GLY A 169 -7.40 -9.96 2.84
C GLY A 169 -8.00 -9.52 1.53
N MET A 170 -7.57 -10.10 0.43
CA MET A 170 -8.16 -9.71 -0.84
C MET A 170 -9.62 -10.11 -0.77
N TYR A 171 -9.86 -11.30 -0.22
CA TYR A 171 -11.19 -11.85 -0.10
C TYR A 171 -12.14 -11.08 0.80
N TYR A 172 -11.60 -10.39 1.81
CA TYR A 172 -12.44 -9.64 2.72
C TYR A 172 -12.68 -8.22 2.26
N THR A 173 -11.62 -7.44 2.21
CA THR A 173 -11.72 -6.04 1.84
C THR A 173 -11.10 -5.71 0.50
N GLY A 174 -10.80 -6.73 -0.29
CA GLY A 174 -10.17 -6.46 -1.57
C GLY A 174 -8.75 -5.99 -1.31
N ALA A 175 -8.30 -6.20 -0.06
CA ALA A 175 -6.96 -5.82 0.42
C ALA A 175 -6.50 -4.45 0.00
N GLY A 176 -6.77 -3.46 0.82
CA GLY A 176 -6.30 -2.14 0.46
C GLY A 176 -4.92 -1.92 1.06
N MET A 177 -4.86 -2.04 2.38
CA MET A 177 -3.64 -1.80 3.15
C MET A 177 -2.81 -0.67 2.55
N ASN A 178 -3.52 0.36 2.10
CA ASN A 178 -2.88 1.52 1.49
C ASN A 178 -3.89 2.58 1.12
N PRO A 179 -4.10 3.54 2.02
CA PRO A 179 -5.05 4.61 1.78
C PRO A 179 -5.00 5.17 0.36
N ALA A 180 -3.81 5.35 -0.18
CA ALA A 180 -3.64 5.90 -1.52
C ALA A 180 -4.15 4.97 -2.63
N ARG A 181 -3.98 3.67 -2.42
CA ARG A 181 -4.40 2.64 -3.37
C ARG A 181 -5.92 2.63 -3.42
N SER A 182 -6.54 2.84 -2.26
CA SER A 182 -7.99 2.84 -2.13
C SER A 182 -8.62 4.16 -2.59
N PHE A 183 -7.88 5.25 -2.37
CA PHE A 183 -8.34 6.58 -2.72
C PHE A 183 -8.44 6.79 -4.23
N ALA A 184 -7.34 6.59 -4.94
CA ALA A 184 -7.29 6.77 -6.38
C ALA A 184 -8.57 6.31 -7.10
N PRO A 185 -8.88 5.00 -7.03
CA PRO A 185 -10.11 4.58 -7.73
C PRO A 185 -11.39 5.15 -7.14
N ALA A 186 -11.40 5.35 -5.82
CA ALA A 186 -12.58 5.87 -5.17
C ALA A 186 -12.93 7.24 -5.72
N ILE A 187 -11.93 8.10 -5.89
CA ILE A 187 -12.19 9.43 -6.42
C ILE A 187 -12.60 9.37 -7.89
N LEU A 188 -11.80 8.70 -8.71
CA LEU A 188 -12.11 8.59 -10.13
C LEU A 188 -13.48 7.94 -10.33
N THR A 189 -13.65 6.74 -9.79
CA THR A 189 -14.93 6.05 -9.88
C THR A 189 -15.95 6.86 -9.09
N ARG A 190 -15.46 7.84 -8.35
CA ARG A 190 -16.31 8.72 -7.53
C ARG A 190 -17.12 7.95 -6.49
N ASN A 191 -16.77 6.68 -6.28
CA ASN A 191 -17.45 5.84 -5.30
C ASN A 191 -16.65 5.78 -3.99
N PHE A 192 -17.15 6.45 -2.96
CA PHE A 192 -16.49 6.50 -1.66
C PHE A 192 -17.21 5.64 -0.62
N THR A 193 -17.93 4.64 -1.08
CA THR A 193 -18.66 3.75 -0.19
C THR A 193 -17.69 3.02 0.72
N ASN A 194 -18.02 2.98 2.01
CA ASN A 194 -17.18 2.31 3.00
C ASN A 194 -15.74 2.74 2.88
N HIS A 195 -15.47 3.83 2.16
CA HIS A 195 -14.09 4.24 1.97
C HIS A 195 -13.29 4.46 3.26
N TRP A 196 -13.91 4.97 4.30
CA TRP A 196 -13.19 5.22 5.56
C TRP A 196 -12.52 3.96 6.10
N VAL A 197 -13.20 2.84 5.98
CA VAL A 197 -12.65 1.58 6.44
C VAL A 197 -11.22 1.46 5.91
N TYR A 198 -11.02 1.99 4.72
CA TYR A 198 -9.75 1.91 4.05
C TYR A 198 -8.69 2.91 4.50
N TRP A 199 -9.04 3.73 5.48
CA TRP A 199 -8.09 4.71 6.01
C TRP A 199 -7.91 4.39 7.48
N VAL A 200 -9.03 4.20 8.15
CA VAL A 200 -9.03 3.86 9.56
C VAL A 200 -8.21 2.60 9.69
N GLY A 201 -8.62 1.57 8.94
CA GLY A 201 -7.92 0.30 9.00
C GLY A 201 -6.41 0.43 8.87
N PRO A 202 -5.90 0.80 7.70
CA PRO A 202 -4.45 0.94 7.49
C PRO A 202 -3.75 1.93 8.40
N VAL A 203 -4.43 2.98 8.82
CA VAL A 203 -3.80 3.94 9.71
C VAL A 203 -3.63 3.35 11.10
N ILE A 204 -4.66 2.68 11.61
CA ILE A 204 -4.55 2.06 12.91
C ILE A 204 -3.54 0.93 12.77
N GLY A 205 -3.81 0.00 11.86
CA GLY A 205 -2.89 -1.09 11.65
C GLY A 205 -1.47 -0.58 11.53
N ALA A 206 -1.27 0.46 10.72
CA ALA A 206 0.05 1.04 10.54
C ALA A 206 0.62 1.53 11.86
N GLY A 207 -0.07 2.47 12.49
CA GLY A 207 0.39 2.99 13.77
C GLY A 207 0.71 1.88 14.75
N LEU A 208 -0.28 1.03 15.02
CA LEU A 208 -0.14 -0.10 15.93
C LEU A 208 1.10 -0.94 15.57
N GLY A 209 1.27 -1.21 14.29
CA GLY A 209 2.41 -2.00 13.86
C GLY A 209 3.71 -1.28 14.14
N SER A 210 3.66 0.04 14.08
CA SER A 210 4.83 0.86 14.36
C SER A 210 5.18 0.70 15.84
N LEU A 211 4.23 1.04 16.71
CA LEU A 211 4.42 0.94 18.16
C LEU A 211 4.80 -0.48 18.58
N LEU A 212 4.05 -1.49 18.12
CA LEU A 212 4.37 -2.86 18.47
C LEU A 212 5.85 -3.13 18.19
N TYR A 213 6.31 -2.76 16.99
CA TYR A 213 7.71 -2.99 16.66
C TYR A 213 8.64 -2.20 17.55
N ASP A 214 8.39 -0.91 17.67
CA ASP A 214 9.22 -0.05 18.49
C ASP A 214 9.21 -0.37 19.97
N PHE A 215 8.23 0.15 20.71
CA PHE A 215 8.16 -0.09 22.15
C PHE A 215 8.43 -1.52 22.60
N LEU A 216 7.94 -2.48 21.83
CA LEU A 216 8.05 -3.90 22.21
C LEU A 216 9.12 -4.76 21.52
N LEU A 217 8.73 -5.42 20.43
CA LEU A 217 9.44 -6.55 19.85
C LEU A 217 10.91 -6.14 19.92
N PHE A 218 11.27 -5.12 19.14
CA PHE A 218 12.64 -4.63 19.12
C PHE A 218 12.69 -3.12 19.37
N PRO A 219 12.67 -2.75 20.65
CA PRO A 219 12.73 -1.32 21.03
C PRO A 219 13.91 -0.50 20.55
N ARG A 220 14.00 0.73 21.06
CA ARG A 220 15.08 1.64 20.72
C ARG A 220 16.10 1.70 21.86
P 3PE B . -22.40 12.14 1.73
N 3PE B . -23.34 16.56 2.68
O11 3PE B . -20.92 12.11 1.10
O12 3PE B . -23.37 11.75 0.65
O13 3PE B . -22.62 13.70 2.07
O14 3PE B . -22.38 11.36 3.04
C11 3PE B . -23.79 14.14 2.74
C12 3PE B . -23.46 15.38 3.56
C1 3PE B . -20.40 10.92 0.50
C2 3PE B . -19.22 11.27 -0.39
C3 3PE B . -19.64 11.15 -1.85
O31 3PE B . -19.40 12.39 -2.52
O32 3PE B . -19.11 11.39 -4.41
C31 3PE B . -18.82 12.39 -3.77
C32 3PE B . -17.94 13.50 -4.28
C33 3PE B . -16.51 13.24 -3.84
C34 3PE B . -15.53 14.10 -4.65
C35 3PE B . -14.76 15.06 -3.75
C36 3PE B . -13.27 14.74 -3.77
C37 3PE B . -12.57 15.36 -2.57
C38 3PE B . -11.32 14.57 -2.19
O21 3PE B . -18.81 12.61 -0.13
O22 3PE B . -17.81 13.16 1.84
C21 3PE B . -17.74 12.66 0.73
C22 3PE B . -16.50 12.03 0.15
C23 3PE B . -15.43 13.10 -0.04
C24 3PE B . -14.32 12.94 0.99
C25 3PE B . -13.07 12.36 0.34
P 3PE C . -21.01 12.04 -8.95
N 3PE C . -25.46 13.58 -7.84
O11 3PE C . -20.22 13.43 -9.21
O12 3PE C . -21.14 11.84 -7.46
O13 3PE C . -22.47 12.35 -9.55
O14 3PE C . -20.36 10.98 -9.80
C11 3PE C . -23.63 12.21 -8.73
C12 3PE C . -24.58 13.37 -9.01
C1 3PE C . -18.99 13.69 -8.55
C2 3PE C . -18.37 14.97 -9.13
C3 3PE C . -19.48 15.92 -9.56
O31 3PE C . -19.61 16.96 -8.60
O32 3PE C . -20.11 18.47 -10.05
C31 3PE C . -19.53 18.26 -8.99
C32 3PE C . -18.83 19.34 -8.20
C33 3PE C . -17.67 19.89 -9.01
C34 3PE C . -17.19 21.22 -8.44
C35 3PE C . -15.67 21.36 -8.59
C36 3PE C . -15.04 21.79 -7.26
C37 3PE C . -14.45 23.19 -7.38
C38 3PE C . -12.97 23.19 -7.04
C39 3PE C . -12.69 24.00 -5.78
C3A 3PE C . -11.78 25.19 -6.08
C3B 3PE C . -12.07 26.36 -5.15
C3C 3PE C . -10.84 27.23 -4.97
C3D 3PE C . -10.64 27.63 -3.51
C3E 3PE C . -10.97 29.10 -3.29
O21 3PE C . -17.56 15.59 -8.13
O22 3PE C . -15.78 14.17 -8.20
C21 3PE C . -16.24 15.30 -8.30
C22 3PE C . -15.41 16.52 -8.62
C23 3PE C . -14.59 16.92 -7.39
C24 3PE C . -13.12 17.08 -7.75
C25 3PE C . -12.42 18.02 -6.78
C26 3PE C . -11.04 18.42 -7.30
C27 3PE C . -10.02 18.43 -6.17
C28 3PE C . -9.12 19.66 -6.24
P 3PE D . -14.28 9.67 -15.88
N 3PE D . -16.40 5.41 -14.50
O11 3PE D . -12.98 9.17 -15.07
O12 3PE D . -14.96 10.74 -15.06
O13 3PE D . -15.22 8.36 -15.89
O14 3PE D . -13.88 9.96 -17.30
C11 3PE D . -15.60 7.73 -14.66
C12 3PE D . -15.19 6.26 -14.70
C1 3PE D . -11.68 9.60 -15.45
C2 3PE D . -11.31 10.85 -14.67
C3 3PE D . -12.03 10.83 -13.32
O31 3PE D . -12.57 12.13 -13.06
O32 3PE D . -14.00 11.54 -11.55
C31 3PE D . -13.17 12.39 -11.85
C32 3PE D . -12.83 13.58 -10.99
C33 3PE D . -11.46 13.37 -10.36
C34 3PE D . -10.52 14.52 -10.70
C35 3PE D . -9.21 14.41 -9.92
C36 3PE D . -8.75 15.78 -9.43
C37 3PE D . -7.41 15.69 -8.72
C38 3PE D . -7.60 15.53 -7.21
C39 3PE D . -6.55 14.58 -6.63
C3A 3PE D . -6.64 14.54 -5.11
C3B 3PE D . -5.32 14.98 -4.48
C3C 3PE D . -5.48 15.18 -2.98
C3D 3PE D . -4.12 15.16 -2.28
O21 3PE D . -9.90 10.88 -14.45
O22 3PE D . -8.95 11.23 -16.48
C21 3PE D . -9.26 11.64 -15.38
C22 3PE D . -8.98 13.04 -14.88
C23 3PE D . -7.48 13.32 -14.96
C24 3PE D . -7.01 14.14 -13.76
C25 3PE D . -5.53 13.92 -13.50
C26 3PE D . -5.19 14.18 -12.04
C27 3PE D . -3.78 13.70 -11.71
C28 3PE D . -3.46 13.90 -10.23
C29 3PE D . -2.50 15.07 -10.04
C2A 3PE D . -1.41 15.06 -11.10
C2B 3PE D . -0.04 15.26 -10.48
C2C 3PE D . 0.87 16.10 -11.38
C2D 3PE D . 1.93 16.83 -10.58
C2E 3PE D . 2.40 18.08 -11.30
P 3PE E . -10.72 9.58 -23.57
N 3PE E . -15.29 8.42 -24.56
O11 3PE E . -10.56 9.45 -21.97
O12 3PE E . -10.17 8.33 -24.21
O13 3PE E . -12.32 9.58 -23.75
O14 3PE E . -10.20 10.93 -23.98
C11 3PE E . -13.08 8.42 -23.46
C12 3PE E . -14.55 8.80 -23.33
C1 3PE E . -9.29 9.08 -21.40
C2 3PE E . -8.61 10.33 -20.86
C3 3PE E . -7.39 9.93 -20.04
O31 3PE E . -6.99 11.02 -19.21
O32 3PE E . -5.20 11.84 -20.05
C31 3PE E . -5.67 11.31 -19.06
C32 3PE E . -4.89 11.04 -17.80
C33 3PE E . -4.18 12.31 -17.35
C34 3PE E . -2.70 12.05 -17.12
C35 3PE E . -2.27 12.51 -15.72
C36 3PE E . -1.65 13.90 -15.76
C37 3PE E . -0.45 13.99 -14.84
C38 3PE E . 0.84 14.13 -15.63
C39 3PE E . 2.02 13.51 -14.88
C3A 3PE E . 3.08 14.56 -14.57
C3B 3PE E . 4.35 14.29 -15.37
C3C 3PE E . 4.03 14.04 -16.84
C3D 3PE E . 4.55 15.18 -17.71
C3E 3PE E . 4.55 14.78 -19.18
O21 3PE E . -8.20 11.16 -21.95
O22 3PE E . -6.94 9.45 -22.76
C21 3PE E . -7.11 10.65 -22.60
C22 3PE E . -6.17 11.72 -23.08
C23 3PE E . -4.82 11.08 -23.42
C24 3PE E . -3.77 12.15 -23.71
C25 3PE E . -2.36 11.60 -23.54
C26 3PE E . -1.31 12.70 -23.68
C27 3PE E . -0.16 12.48 -22.73
C28 3PE E . 0.77 13.69 -22.71
C29 3PE E . 2.12 13.35 -23.35
C2A 3PE E . 2.73 14.58 -24.01
C2B 3PE E . 4.25 14.51 -23.99
P 3PE F . 3.83 27.05 9.24
N 3PE F . 8.36 26.59 9.50
O11 3PE F . 4.59 26.13 8.15
O12 3PE F . 2.88 26.17 10.01
O13 3PE F . 5.03 27.47 10.22
O14 3PE F . 3.32 28.29 8.54
C11 3PE F . 6.28 27.91 9.70
C12 3PE F . 7.42 27.23 10.46
C1 3PE F . 4.05 24.86 7.77
C2 3PE F . 3.73 24.88 6.28
C3 3PE F . 2.89 26.12 5.95
O31 3PE F . 1.55 25.91 6.37
O32 3PE F . 0.48 27.69 5.81
C31 3PE F . 0.52 26.48 5.65
C32 3PE F . -0.44 25.69 4.80
C33 3PE F . -0.07 25.89 3.33
C34 3PE F . -1.06 25.16 2.42
C35 3PE F . -1.10 25.81 1.04
C36 3PE F . -0.34 24.96 0.02
C37 3PE F . -0.03 25.77 -1.23
C38 3PE F . -0.40 25.00 -2.49
C39 3PE F . -1.44 25.75 -3.31
C3A 3PE F . -1.87 24.94 -4.52
C3B 3PE F . -3.17 25.48 -5.11
C3C 3PE F . -3.74 24.53 -6.17
C3D 3PE F . -5.13 24.07 -5.78
C3E 3PE F . -5.59 22.93 -6.69
O21 3PE F . 4.94 24.91 5.53
O22 3PE F . 4.80 25.69 3.40
C21 3PE F . 4.71 24.76 4.19
C22 3PE F . 4.33 23.36 3.81
C23 3PE F . 3.07 23.38 2.96
C24 3PE F . 3.11 22.30 1.88
C25 3PE F . 2.22 21.13 2.24
C26 3PE F . 0.94 21.15 1.41
C27 3PE F . -0.25 21.57 2.25
C28 3PE F . -0.79 20.41 3.08
C29 3PE F . -2.00 20.83 3.90
P 3PE G . 9.78 23.62 1.22
N 3PE G . 14.07 22.47 0.06
O11 3PE G . 9.42 23.91 -0.32
O12 3PE G . 9.11 22.34 1.64
O13 3PE G . 11.37 23.36 1.16
O14 3PE G . 9.55 24.89 2.00
C11 3PE G . 11.89 22.03 1.12
C12 3PE G . 13.40 22.07 1.32
C1 3PE G . 10.45 24.03 -1.30
C2 3PE G . 9.91 24.80 -2.51
C3 3PE G . 10.69 24.38 -3.75
O31 3PE G . 10.06 23.24 -4.35
O32 3PE G . 11.66 22.47 -5.55
C31 3PE G . 10.49 22.78 -5.56
C32 3PE G . 9.59 22.69 -6.77
C33 3PE G . 8.59 21.56 -6.58
C34 3PE G . 7.19 22.11 -6.32
C35 3PE G . 6.12 21.10 -6.71
C36 3PE G . 5.24 21.64 -7.83
C37 3PE G . 5.08 20.61 -8.94
C38 3PE G . 4.30 21.19 -10.11
C39 3PE G . 3.46 20.12 -10.80
C3A 3PE G . 1.97 20.38 -10.59
C3B 3PE G . 1.41 19.48 -9.49
C3C 3PE G . 0.38 20.22 -8.66
C3D 3PE G . -0.82 19.33 -8.36
C3E 3PE G . -2.13 20.12 -8.44
C3F 3PE G . -3.26 19.24 -8.97
C3G 3PE G . -4.48 19.33 -8.07
C3H 3PE G . -4.59 18.10 -7.17
O21 3PE G . 8.53 24.50 -2.68
O22 3PE G . 8.22 26.66 -3.32
C21 3PE G . 7.78 25.64 -2.82
C22 3PE G . 6.37 25.49 -2.30
C23 3PE G . 5.48 24.95 -3.41
C24 3PE G . 4.01 25.15 -3.06
C25 3PE G . 3.38 23.85 -2.56
C26 3PE G . 3.55 22.73 -3.59
C27 3PE G . 2.25 22.48 -4.33
C28 3PE G . 1.50 21.29 -3.73
C29 3PE G . 0.62 20.62 -4.78
C2A 3PE G . -0.80 21.17 -4.72
C2B 3PE G . -1.80 20.08 -4.34
C2C 3PE G . -2.79 20.58 -3.29
C2D 3PE G . -3.33 19.44 -2.45
C2E 3PE G . -2.46 19.21 -1.21
C2F 3PE G . -3.16 19.73 0.04
C2G 3PE G . -3.47 18.60 1.01
P 3PE H . 14.42 20.27 -6.99
N 3PE H . 16.70 17.82 -10.00
O11 3PE H . 13.26 19.55 -7.83
O12 3PE H . 14.19 20.01 -5.52
O13 3PE H . 15.73 19.46 -7.44
O14 3PE H . 14.56 21.69 -7.49
C11 3PE H . 15.65 18.07 -7.79
C12 3PE H . 16.90 17.66 -8.54
C1 3PE H . 13.38 19.37 -9.23
C2 3PE H . 12.21 18.55 -9.76
C3 3PE H . 12.64 17.75 -10.98
O31 3PE H . 12.96 18.65 -12.03
O32 3PE H . 14.96 18.42 -12.82
C31 3PE H . 13.77 18.24 -13.06
C32 3PE H . 13.25 17.63 -14.35
C33 3PE H . 12.70 18.73 -15.24
C34 3PE H . 11.19 18.81 -15.14
C35 3PE H . 10.52 18.12 -16.33
C36 3PE H . 9.05 17.84 -16.03
C37 3PE H . 8.16 18.50 -17.08
C38 3PE H . 7.35 17.45 -17.84
C39 3PE H . 6.97 17.96 -19.22
C3A 3PE H . 5.93 17.06 -19.88
C3B 3PE H . 4.88 17.87 -20.61
C3C 3PE H . 3.69 17.00 -21.02
C3D 3PE H . 2.50 17.27 -20.12
C3E 3PE H . 1.97 15.97 -19.52
O21 3PE H . 11.76 17.65 -8.73
O22 3PE H . 10.35 18.90 -7.46
C21 3PE H . 10.53 17.99 -8.26
C22 3PE H . 9.43 17.13 -8.83
C23 3PE H . 8.36 16.89 -7.77
C24 3PE H . 7.35 15.85 -8.23
C25 3PE H . 6.00 16.48 -8.49
C26 3PE H . 4.87 15.67 -7.84
C27 3PE H . 4.08 16.52 -6.85
C28 3PE H . 4.31 16.05 -5.42
C29 3PE H . 3.38 16.78 -4.46
C2A 3PE H . 4.09 17.95 -3.79
C2B 3PE H . 3.58 18.16 -2.37
#